data_2HVC
#
_entry.id   2HVC
#
_cell.length_a   57.640
_cell.length_b   65.390
_cell.length_c   72.170
_cell.angle_alpha   90.00
_cell.angle_beta   90.00
_cell.angle_gamma   90.00
#
_symmetry.space_group_name_H-M   'P 21 21 21'
#
loop_
_entity.id
_entity.type
_entity.pdbx_description
1 polymer 'Androgen receptor'
2 non-polymer 6-[BIS(2,2,2-TRIFLUOROETHYL)AMINO]-4-(TRIFLUOROMETHYL)QUINOLIN-2(1H)-ONE
3 water water
#
_entity_poly.entity_id   1
_entity_poly.type   'polypeptide(L)'
_entity_poly.pdbx_seq_one_letter_code
;CQPIFLNVLEAIEPGVVCAGHDNNQPDSFAALLSSLNELGERQLVHVVKWAKALPGFRNLHVDDQMAVIQYSWMGLMVFA
MGWRSFTNVNSRMLYFAPDLVFNEYRMHKSRMYSQCVRMRHLSQEFGWLQITPQEFLCMKALLLFSIIPVDGLKNQKFFD
ELRMNYIKELDRIIACKRKNPTSCSRRFYQLTKLLDSVQPIARELHQFTFDLLIKSHMVSVDFPEMMAEIISVQVPKILS
GKVKPIYFHT
;
_entity_poly.pdbx_strand_id   A
#
# COMPACT_ATOMS: atom_id res chain seq x y z
N CYS A 1 -2.00 28.37 -10.85
CA CYS A 1 -0.96 27.89 -9.89
C CYS A 1 -0.36 26.53 -10.30
N GLN A 2 0.45 25.99 -9.39
CA GLN A 2 1.22 24.75 -9.51
C GLN A 2 0.68 23.36 -9.86
N PRO A 3 1.22 22.76 -10.94
CA PRO A 3 0.81 21.42 -11.32
C PRO A 3 2.10 20.66 -10.95
N ILE A 4 3.00 21.41 -10.29
CA ILE A 4 4.30 20.92 -9.84
C ILE A 4 4.18 19.69 -8.94
N PHE A 5 3.35 19.79 -7.90
CA PHE A 5 3.18 18.65 -7.00
C PHE A 5 2.75 17.40 -7.75
N LEU A 6 1.75 17.55 -8.61
CA LEU A 6 1.25 16.42 -9.39
C LEU A 6 2.20 16.02 -10.52
N ASN A 7 2.94 16.99 -11.08
CA ASN A 7 3.90 16.64 -12.13
C ASN A 7 4.83 15.62 -11.48
N VAL A 8 5.27 15.93 -10.27
CA VAL A 8 6.18 15.06 -9.54
C VAL A 8 5.59 13.69 -9.24
N LEU A 9 4.41 13.65 -8.64
CA LEU A 9 3.79 12.36 -8.32
C LEU A 9 3.70 11.45 -9.53
N GLU A 10 3.28 12.01 -10.66
CA GLU A 10 3.15 11.23 -11.88
C GLU A 10 4.51 10.77 -12.38
N ALA A 11 5.48 11.67 -12.34
CA ALA A 11 6.83 11.38 -12.80
C ALA A 11 7.57 10.25 -12.08
N ILE A 12 7.38 10.15 -10.76
CA ILE A 12 8.05 9.14 -9.96
C ILE A 12 7.24 7.84 -9.82
N GLU A 13 6.02 7.83 -10.32
CA GLU A 13 5.17 6.65 -10.24
C GLU A 13 5.91 5.48 -10.88
N PRO A 14 6.09 4.39 -10.12
CA PRO A 14 6.78 3.18 -10.57
C PRO A 14 6.08 2.52 -11.76
N GLY A 15 6.88 1.90 -12.63
CA GLY A 15 6.29 1.23 -13.79
C GLY A 15 5.90 -0.19 -13.41
N VAL A 16 5.47 -0.95 -14.41
CA VAL A 16 5.06 -2.34 -14.23
C VAL A 16 6.15 -3.21 -13.60
N VAL A 17 5.74 -4.11 -12.70
CA VAL A 17 6.66 -5.03 -12.04
C VAL A 17 6.11 -6.45 -12.13
N CYS A 18 6.85 -7.34 -12.78
CA CYS A 18 6.43 -8.73 -12.92
C CYS A 18 6.88 -9.53 -11.72
N ALA A 19 6.18 -10.61 -11.44
CA ALA A 19 6.55 -11.45 -10.29
C ALA A 19 7.54 -12.55 -10.67
N GLY A 20 7.56 -12.92 -11.96
CA GLY A 20 8.45 -13.98 -12.41
C GLY A 20 7.77 -15.34 -12.22
N HIS A 21 6.45 -15.28 -12.06
CA HIS A 21 5.65 -16.48 -11.88
C HIS A 21 5.47 -17.15 -13.25
N ASP A 22 5.58 -18.48 -13.26
CA ASP A 22 5.40 -19.28 -14.47
C ASP A 22 3.96 -19.74 -14.39
N ASN A 23 3.08 -19.24 -15.25
CA ASN A 23 1.68 -19.62 -15.16
C ASN A 23 1.26 -20.95 -15.73
N ASN A 24 2.23 -21.72 -16.23
CA ASN A 24 1.94 -23.05 -16.77
C ASN A 24 2.01 -24.05 -15.64
N GLN A 25 2.52 -23.61 -14.48
CA GLN A 25 2.60 -24.49 -13.33
C GLN A 25 1.32 -24.50 -12.52
N PRO A 26 0.99 -25.66 -11.92
CA PRO A 26 -0.20 -25.88 -11.09
C PRO A 26 -0.33 -24.88 -9.95
N ASP A 27 -1.54 -24.38 -9.73
CA ASP A 27 -1.76 -23.42 -8.65
C ASP A 27 -1.65 -24.16 -7.35
N SER A 28 -0.58 -23.88 -6.61
CA SER A 28 -0.39 -24.51 -5.31
C SER A 28 -0.06 -23.39 -4.34
N PHE A 29 -0.35 -23.60 -3.07
CA PHE A 29 -0.07 -22.63 -2.04
C PHE A 29 1.41 -22.22 -2.08
N ALA A 30 2.29 -23.22 -2.17
CA ALA A 30 3.72 -22.99 -2.21
C ALA A 30 4.15 -22.10 -3.38
N ALA A 31 3.77 -22.48 -4.59
CA ALA A 31 4.13 -21.72 -5.79
C ALA A 31 3.57 -20.29 -5.78
N LEU A 32 2.28 -20.15 -5.51
CA LEU A 32 1.64 -18.84 -5.47
C LEU A 32 2.29 -17.92 -4.43
N LEU A 33 2.37 -18.37 -3.18
CA LEU A 33 2.96 -17.55 -2.13
C LEU A 33 4.44 -17.27 -2.32
N SER A 34 5.16 -18.18 -2.98
CA SER A 34 6.59 -17.94 -3.22
C SER A 34 6.73 -16.87 -4.28
N SER A 35 5.80 -16.84 -5.23
CA SER A 35 5.83 -15.83 -6.28
C SER A 35 5.45 -14.48 -5.70
N LEU A 36 4.47 -14.48 -4.80
CA LEU A 36 4.05 -13.23 -4.15
C LEU A 36 5.23 -12.63 -3.38
N ASN A 37 5.95 -13.48 -2.64
CA ASN A 37 7.08 -13.00 -1.85
C ASN A 37 8.17 -12.42 -2.74
N GLU A 38 8.40 -13.05 -3.89
CA GLU A 38 9.41 -12.59 -4.83
C GLU A 38 8.93 -11.27 -5.42
N LEU A 39 7.64 -11.17 -5.72
CA LEU A 39 7.08 -9.91 -6.24
C LEU A 39 7.28 -8.86 -5.15
N GLY A 40 7.05 -9.26 -3.90
CA GLY A 40 7.23 -8.35 -2.80
C GLY A 40 8.61 -7.73 -2.82
N GLU A 41 9.64 -8.57 -2.88
CA GLU A 41 11.03 -8.09 -2.91
C GLU A 41 11.30 -7.09 -4.04
N ARG A 42 10.81 -7.40 -5.24
CA ARG A 42 11.03 -6.52 -6.39
C ARG A 42 10.31 -5.19 -6.24
N GLN A 43 9.09 -5.23 -5.71
CA GLN A 43 8.32 -4.01 -5.50
C GLN A 43 8.91 -3.11 -4.40
N LEU A 44 9.45 -3.72 -3.35
CA LEU A 44 10.05 -2.94 -2.27
C LEU A 44 11.11 -2.01 -2.84
N VAL A 45 11.95 -2.56 -3.71
CA VAL A 45 13.02 -1.79 -4.35
C VAL A 45 12.44 -0.54 -5.01
N HIS A 46 11.35 -0.72 -5.75
CA HIS A 46 10.70 0.40 -6.41
C HIS A 46 10.10 1.36 -5.40
N VAL A 47 9.41 0.81 -4.40
CA VAL A 47 8.79 1.65 -3.37
C VAL A 47 9.83 2.55 -2.69
N VAL A 48 11.00 1.99 -2.37
CA VAL A 48 12.04 2.77 -1.70
C VAL A 48 12.48 3.96 -2.56
N LYS A 49 12.78 3.70 -3.82
CA LYS A 49 13.19 4.77 -4.71
C LYS A 49 12.10 5.83 -4.88
N TRP A 50 10.85 5.36 -4.98
CA TRP A 50 9.70 6.23 -5.13
C TRP A 50 9.53 7.16 -3.91
N ALA A 51 9.51 6.56 -2.72
CA ALA A 51 9.34 7.32 -1.49
C ALA A 51 10.42 8.38 -1.34
N LYS A 52 11.67 8.00 -1.58
CA LYS A 52 12.79 8.94 -1.47
C LYS A 52 12.78 10.07 -2.50
N ALA A 53 11.96 9.94 -3.54
CA ALA A 53 11.85 10.99 -4.56
C ALA A 53 10.58 11.83 -4.40
N LEU A 54 9.84 11.60 -3.32
CA LEU A 54 8.61 12.35 -3.06
C LEU A 54 8.98 13.73 -2.51
N PRO A 55 8.19 14.75 -2.87
CA PRO A 55 8.46 16.11 -2.39
C PRO A 55 8.56 16.17 -0.86
N GLY A 56 9.69 16.69 -0.37
CA GLY A 56 9.89 16.83 1.06
C GLY A 56 10.23 15.58 1.86
N PHE A 57 10.24 14.41 1.23
CA PHE A 57 10.52 13.17 1.95
C PHE A 57 11.87 13.21 2.65
N ARG A 58 12.86 13.77 1.97
CA ARG A 58 14.20 13.81 2.54
C ARG A 58 14.38 14.82 3.68
N ASN A 59 13.41 15.71 3.93
CA ASN A 59 13.63 16.58 5.07
C ASN A 59 13.14 15.90 6.35
N LEU A 60 13.13 14.56 6.30
CA LEU A 60 12.77 13.67 7.40
C LEU A 60 14.10 13.08 7.89
N HIS A 61 14.23 12.80 9.18
CA HIS A 61 15.47 12.21 9.67
C HIS A 61 15.75 10.92 8.90
N VAL A 62 17.01 10.71 8.55
CA VAL A 62 17.41 9.54 7.78
C VAL A 62 16.96 8.20 8.35
N ASP A 63 16.93 8.07 9.67
CA ASP A 63 16.49 6.80 10.26
C ASP A 63 14.96 6.66 10.15
N ASP A 64 14.27 7.79 10.16
CA ASP A 64 12.82 7.78 10.05
C ASP A 64 12.37 7.44 8.63
N GLN A 65 13.15 7.86 7.65
CA GLN A 65 12.83 7.60 6.25
C GLN A 65 12.59 6.12 5.99
N MET A 66 13.58 5.29 6.35
CA MET A 66 13.49 3.85 6.13
C MET A 66 12.37 3.20 6.95
N ALA A 67 12.17 3.69 8.16
CA ALA A 67 11.15 3.12 9.03
C ALA A 67 9.72 3.32 8.51
N VAL A 68 9.38 4.53 8.04
CA VAL A 68 8.03 4.75 7.56
C VAL A 68 7.76 3.98 6.27
N ILE A 69 8.78 3.79 5.45
CA ILE A 69 8.64 3.03 4.20
C ILE A 69 8.31 1.59 4.57
N GLN A 70 9.07 1.08 5.54
CA GLN A 70 8.91 -0.27 5.99
C GLN A 70 7.59 -0.54 6.69
N TYR A 71 7.15 0.39 7.52
CA TYR A 71 5.88 0.19 8.21
C TYR A 71 4.68 0.27 7.26
N SER A 72 4.70 1.25 6.35
CA SER A 72 3.60 1.48 5.43
C SER A 72 3.63 0.64 4.15
N TRP A 73 4.71 -0.10 3.94
CA TRP A 73 4.88 -0.91 2.74
C TRP A 73 3.66 -1.75 2.36
N MET A 74 3.21 -2.62 3.25
CA MET A 74 2.08 -3.49 2.97
C MET A 74 0.85 -2.72 2.50
N GLY A 75 0.50 -1.66 3.22
CA GLY A 75 -0.65 -0.86 2.85
C GLY A 75 -0.51 -0.21 1.48
N LEU A 76 0.71 0.21 1.15
CA LEU A 76 0.99 0.82 -0.15
C LEU A 76 0.75 -0.20 -1.25
N MET A 77 1.18 -1.45 -1.01
CA MET A 77 1.01 -2.53 -1.97
C MET A 77 -0.47 -2.84 -2.15
N VAL A 78 -1.20 -2.90 -1.03
CA VAL A 78 -2.63 -3.17 -1.06
C VAL A 78 -3.34 -2.15 -1.95
N PHE A 79 -3.13 -0.88 -1.64
CA PHE A 79 -3.74 0.25 -2.33
C PHE A 79 -3.42 0.32 -3.84
N ALA A 80 -2.15 0.21 -4.18
CA ALA A 80 -1.75 0.24 -5.59
C ALA A 80 -2.24 -0.97 -6.37
N MET A 81 -2.21 -2.14 -5.74
CA MET A 81 -2.66 -3.36 -6.40
C MET A 81 -4.16 -3.22 -6.69
N GLY A 82 -4.89 -2.63 -5.75
CA GLY A 82 -6.31 -2.41 -5.93
C GLY A 82 -6.56 -1.45 -7.09
N TRP A 83 -5.70 -0.43 -7.21
CA TRP A 83 -5.86 0.52 -8.30
C TRP A 83 -5.55 -0.18 -9.63
N ARG A 84 -4.53 -1.03 -9.62
CA ARG A 84 -4.14 -1.77 -10.83
C ARG A 84 -5.27 -2.70 -11.26
N SER A 85 -5.86 -3.39 -10.29
CA SER A 85 -6.96 -4.30 -10.58
C SER A 85 -8.10 -3.53 -11.26
N PHE A 86 -8.38 -2.32 -10.75
CA PHE A 86 -9.42 -1.46 -11.28
C PHE A 86 -9.15 -1.03 -12.71
N THR A 87 -7.96 -0.45 -12.94
CA THR A 87 -7.59 0.02 -14.27
C THR A 87 -7.36 -1.07 -15.32
N ASN A 88 -6.95 -2.26 -14.90
CA ASN A 88 -6.66 -3.34 -15.86
C ASN A 88 -7.79 -4.34 -16.10
N VAL A 89 -8.41 -4.81 -15.04
CA VAL A 89 -9.46 -5.81 -15.20
C VAL A 89 -10.76 -5.41 -14.50
N ASN A 90 -10.99 -4.10 -14.45
CA ASN A 90 -12.19 -3.55 -13.83
C ASN A 90 -12.53 -4.14 -12.46
N SER A 91 -11.49 -4.45 -11.67
CA SER A 91 -11.65 -5.00 -10.33
C SER A 91 -12.19 -6.42 -10.21
N ARG A 92 -12.29 -7.17 -11.31
CA ARG A 92 -12.81 -8.53 -11.18
C ARG A 92 -11.80 -9.55 -10.69
N MET A 93 -10.51 -9.21 -10.72
CA MET A 93 -9.47 -10.11 -10.25
C MET A 93 -8.39 -9.28 -9.57
N LEU A 94 -7.58 -9.93 -8.74
CA LEU A 94 -6.51 -9.23 -8.05
C LEU A 94 -5.29 -9.23 -8.97
N TYR A 95 -5.01 -8.07 -9.51
CA TYR A 95 -3.92 -7.86 -10.44
C TYR A 95 -2.64 -7.50 -9.69
N PHE A 96 -2.01 -8.49 -9.08
CA PHE A 96 -0.77 -8.29 -8.35
C PHE A 96 0.30 -7.86 -9.35
N ALA A 97 0.29 -8.53 -10.49
CA ALA A 97 1.25 -8.26 -11.54
C ALA A 97 0.71 -8.85 -12.83
N PRO A 98 1.26 -8.42 -13.98
CA PRO A 98 0.81 -8.92 -15.29
C PRO A 98 0.82 -10.44 -15.33
N ASP A 99 1.85 -11.03 -14.77
CA ASP A 99 2.01 -12.48 -14.76
C ASP A 99 1.52 -13.14 -13.47
N LEU A 100 0.87 -12.37 -12.61
CA LEU A 100 0.34 -12.93 -11.36
C LEU A 100 -1.02 -12.33 -11.05
N VAL A 101 -2.04 -12.87 -11.71
CA VAL A 101 -3.40 -12.39 -11.54
C VAL A 101 -4.21 -13.47 -10.83
N PHE A 102 -4.86 -13.08 -9.72
CA PHE A 102 -5.65 -14.03 -8.95
C PHE A 102 -7.11 -14.08 -9.33
N ASN A 103 -7.56 -15.27 -9.74
CA ASN A 103 -8.96 -15.49 -10.08
C ASN A 103 -9.52 -16.17 -8.82
N GLU A 104 -10.77 -16.62 -8.86
CA GLU A 104 -11.40 -17.28 -7.71
C GLU A 104 -10.56 -18.43 -7.13
N TYR A 105 -10.19 -19.35 -8.00
CA TYR A 105 -9.42 -20.51 -7.59
C TYR A 105 -8.13 -20.17 -6.87
N ARG A 106 -7.34 -19.25 -7.43
CA ARG A 106 -6.08 -18.87 -6.80
C ARG A 106 -6.30 -18.20 -5.45
N MET A 107 -7.42 -17.48 -5.32
CA MET A 107 -7.75 -16.83 -4.05
C MET A 107 -7.88 -17.91 -2.96
N HIS A 108 -8.50 -19.03 -3.31
CA HIS A 108 -8.67 -20.14 -2.36
C HIS A 108 -7.38 -20.85 -2.09
N LYS A 109 -6.61 -21.13 -3.14
CA LYS A 109 -5.35 -21.83 -2.95
C LYS A 109 -4.35 -20.99 -2.14
N SER A 110 -4.54 -19.69 -2.13
CA SER A 110 -3.65 -18.80 -1.39
C SER A 110 -3.86 -18.94 0.11
N ARG A 111 -5.00 -19.50 0.50
CA ARG A 111 -5.34 -19.69 1.91
C ARG A 111 -5.56 -18.35 2.59
N MET A 112 -5.95 -17.36 1.79
CA MET A 112 -6.23 -15.99 2.23
C MET A 112 -7.46 -15.54 1.46
N TYR A 113 -8.40 -16.45 1.23
CA TYR A 113 -9.59 -16.11 0.47
C TYR A 113 -10.39 -14.92 1.00
N SER A 114 -10.73 -14.90 2.28
CA SER A 114 -11.52 -13.79 2.79
C SER A 114 -10.82 -12.46 2.62
N GLN A 115 -9.50 -12.44 2.83
CA GLN A 115 -8.75 -11.20 2.68
C GLN A 115 -8.76 -10.75 1.23
N CYS A 116 -8.64 -11.72 0.31
CA CYS A 116 -8.65 -11.40 -1.11
C CYS A 116 -9.96 -10.73 -1.47
N VAL A 117 -11.03 -11.23 -0.86
CA VAL A 117 -12.35 -10.67 -1.11
C VAL A 117 -12.39 -9.22 -0.61
N ARG A 118 -11.80 -8.97 0.55
CA ARG A 118 -11.76 -7.62 1.11
C ARG A 118 -10.93 -6.72 0.19
N MET A 119 -9.90 -7.28 -0.43
CA MET A 119 -9.07 -6.49 -1.33
C MET A 119 -9.82 -6.15 -2.61
N ARG A 120 -10.63 -7.09 -3.11
CA ARG A 120 -11.40 -6.84 -4.32
C ARG A 120 -12.41 -5.73 -4.02
N HIS A 121 -12.98 -5.76 -2.80
CA HIS A 121 -13.94 -4.73 -2.38
C HIS A 121 -13.24 -3.38 -2.47
N LEU A 122 -12.09 -3.28 -1.81
CA LEU A 122 -11.30 -2.06 -1.83
C LEU A 122 -11.10 -1.60 -3.27
N SER A 123 -10.68 -2.53 -4.13
CA SER A 123 -10.47 -2.22 -5.54
C SER A 123 -11.73 -1.66 -6.19
N GLN A 124 -12.87 -2.26 -5.86
CA GLN A 124 -14.15 -1.83 -6.41
C GLN A 124 -14.53 -0.42 -5.98
N GLU A 125 -13.99 0.02 -4.84
CA GLU A 125 -14.25 1.37 -4.34
C GLU A 125 -13.73 2.43 -5.33
N PHE A 126 -12.60 2.14 -5.98
CA PHE A 126 -12.02 3.07 -6.94
C PHE A 126 -13.04 3.37 -8.04
N GLY A 127 -13.84 2.38 -8.39
CA GLY A 127 -14.86 2.56 -9.41
C GLY A 127 -16.09 3.24 -8.84
N TRP A 128 -16.56 2.76 -7.69
CA TRP A 128 -17.75 3.33 -7.05
C TRP A 128 -17.59 4.76 -6.57
N LEU A 129 -16.36 5.22 -6.38
CA LEU A 129 -16.14 6.59 -5.95
C LEU A 129 -15.57 7.40 -7.11
N GLN A 130 -15.40 6.76 -8.26
CA GLN A 130 -14.83 7.43 -9.42
C GLN A 130 -13.54 8.15 -9.00
N ILE A 131 -12.68 7.40 -8.32
CA ILE A 131 -11.39 7.93 -7.86
C ILE A 131 -10.59 8.35 -9.09
N THR A 132 -10.06 9.56 -9.12
CA THR A 132 -9.26 9.96 -10.27
C THR A 132 -7.81 9.56 -10.08
N PRO A 133 -7.03 9.58 -11.18
CA PRO A 133 -5.61 9.22 -11.16
C PRO A 133 -4.84 10.14 -10.21
N GLN A 134 -5.28 11.39 -10.14
CA GLN A 134 -4.67 12.38 -9.26
C GLN A 134 -5.02 12.11 -7.81
N GLU A 135 -6.29 11.78 -7.57
CA GLU A 135 -6.74 11.46 -6.21
C GLU A 135 -5.95 10.25 -5.76
N PHE A 136 -5.86 9.26 -6.65
CA PHE A 136 -5.12 8.03 -6.37
C PHE A 136 -3.68 8.28 -5.97
N LEU A 137 -2.97 9.10 -6.75
CA LEU A 137 -1.57 9.39 -6.47
C LEU A 137 -1.34 10.15 -5.18
N CYS A 138 -2.20 11.12 -4.87
CA CYS A 138 -2.02 11.88 -3.63
C CYS A 138 -2.37 10.99 -2.43
N MET A 139 -3.38 10.13 -2.58
CA MET A 139 -3.79 9.24 -1.51
C MET A 139 -2.72 8.17 -1.23
N LYS A 140 -2.06 7.71 -2.30
CA LYS A 140 -1.03 6.69 -2.13
C LYS A 140 0.17 7.31 -1.37
N ALA A 141 0.48 8.55 -1.70
CA ALA A 141 1.58 9.26 -1.05
C ALA A 141 1.23 9.42 0.43
N LEU A 142 -0.02 9.75 0.70
CA LEU A 142 -0.49 9.93 2.07
C LEU A 142 -0.35 8.66 2.90
N LEU A 143 -0.57 7.50 2.27
CA LEU A 143 -0.45 6.22 2.97
C LEU A 143 0.95 5.98 3.52
N LEU A 144 1.96 6.57 2.86
CA LEU A 144 3.34 6.41 3.33
C LEU A 144 3.50 7.07 4.70
N PHE A 145 2.66 8.07 4.97
CA PHE A 145 2.71 8.82 6.23
C PHE A 145 1.49 8.49 7.07
N SER A 146 1.12 7.20 7.11
CA SER A 146 -0.07 6.76 7.84
C SER A 146 0.13 5.76 8.94
N ILE A 147 1.37 5.40 9.24
CA ILE A 147 1.62 4.41 10.29
C ILE A 147 2.97 4.67 10.95
N ILE A 148 2.94 4.88 12.28
CA ILE A 148 4.16 5.20 13.00
C ILE A 148 4.20 4.62 14.43
N PRO A 149 5.40 4.66 15.06
CA PRO A 149 5.62 4.17 16.41
C PRO A 149 4.74 4.98 17.35
N VAL A 150 4.04 4.31 18.26
CA VAL A 150 3.17 5.01 19.19
C VAL A 150 3.93 6.09 19.94
N ASP A 151 5.17 5.79 20.34
CA ASP A 151 5.91 6.81 21.05
C ASP A 151 6.93 7.57 20.22
N GLY A 152 6.45 7.95 19.04
CA GLY A 152 7.19 8.78 18.11
C GLY A 152 8.40 8.36 17.32
N LEU A 153 8.55 9.08 16.21
CA LEU A 153 9.67 8.93 15.28
C LEU A 153 10.81 9.72 15.88
N LYS A 154 12.01 9.50 15.38
CA LYS A 154 13.19 10.19 15.86
C LYS A 154 12.98 11.72 15.79
N ASN A 155 12.43 12.21 14.68
CA ASN A 155 12.09 13.63 14.59
C ASN A 155 10.64 13.66 14.11
N GLN A 156 9.73 13.44 15.06
CA GLN A 156 8.30 13.40 14.81
C GLN A 156 7.76 14.68 14.19
N LYS A 157 8.31 15.81 14.57
CA LYS A 157 7.85 17.09 14.04
C LYS A 157 8.05 17.22 12.54
N PHE A 158 9.17 16.73 12.03
CA PHE A 158 9.41 16.81 10.59
C PHE A 158 8.38 15.92 9.87
N PHE A 159 8.02 14.81 10.50
CA PHE A 159 7.03 13.90 9.94
C PHE A 159 5.67 14.59 9.97
N ASP A 160 5.29 15.10 11.13
CA ASP A 160 4.02 15.79 11.27
C ASP A 160 3.82 16.87 10.20
N GLU A 161 4.81 17.72 9.99
CA GLU A 161 4.70 18.75 8.98
C GLU A 161 4.53 18.17 7.58
N LEU A 162 5.29 17.15 7.26
CA LEU A 162 5.16 16.53 5.94
C LEU A 162 3.75 15.98 5.71
N ARG A 163 3.25 15.22 6.69
CA ARG A 163 1.93 14.62 6.59
C ARG A 163 0.89 15.71 6.41
N MET A 164 1.00 16.78 7.20
CA MET A 164 0.08 17.90 7.11
C MET A 164 0.08 18.48 5.70
N ASN A 165 1.27 18.56 5.11
CA ASN A 165 1.41 19.09 3.76
C ASN A 165 0.82 18.19 2.70
N TYR A 166 0.88 16.88 2.90
CA TYR A 166 0.32 15.97 1.92
C TYR A 166 -1.19 15.99 2.01
N ILE A 167 -1.70 16.27 3.21
CA ILE A 167 -3.14 16.36 3.39
C ILE A 167 -3.64 17.62 2.67
N LYS A 168 -2.89 18.72 2.79
CA LYS A 168 -3.27 19.96 2.14
C LYS A 168 -3.27 19.82 0.61
N GLU A 169 -2.37 18.99 0.10
CA GLU A 169 -2.34 18.77 -1.35
C GLU A 169 -3.58 17.97 -1.73
N LEU A 170 -4.01 17.07 -0.84
CA LEU A 170 -5.20 16.30 -1.12
C LEU A 170 -6.37 17.26 -1.10
N ASP A 171 -6.34 18.20 -0.17
CA ASP A 171 -7.39 19.20 -0.04
C ASP A 171 -7.60 19.96 -1.34
N ARG A 172 -6.53 20.49 -1.92
CA ARG A 172 -6.69 21.26 -3.13
C ARG A 172 -7.00 20.44 -4.36
N ILE A 173 -6.56 19.18 -4.42
CA ILE A 173 -6.90 18.36 -5.58
C ILE A 173 -8.43 18.27 -5.55
N ILE A 174 -8.97 18.07 -4.36
CA ILE A 174 -10.41 17.98 -4.15
C ILE A 174 -11.11 19.30 -4.47
N ALA A 175 -10.51 20.42 -4.09
CA ALA A 175 -11.09 21.73 -4.35
C ALA A 175 -10.93 22.16 -5.82
N CYS A 176 -9.97 21.58 -6.53
CA CYS A 176 -9.80 21.95 -7.93
C CYS A 176 -11.04 21.46 -8.67
N LYS A 177 -11.53 22.28 -9.58
CA LYS A 177 -12.72 21.98 -10.35
C LYS A 177 -13.90 21.81 -9.42
N ARG A 178 -13.69 22.01 -8.13
CA ARG A 178 -14.82 21.90 -7.25
C ARG A 178 -15.32 23.30 -6.96
N LYS A 179 -16.43 23.42 -6.26
CA LYS A 179 -17.01 24.74 -6.11
C LYS A 179 -17.27 25.20 -4.71
N ASN A 180 -18.24 24.58 -4.04
CA ASN A 180 -18.52 24.98 -2.68
C ASN A 180 -18.06 23.92 -1.65
N PRO A 181 -17.42 24.39 -0.56
CA PRO A 181 -16.84 23.73 0.62
C PRO A 181 -17.59 22.48 1.10
N THR A 182 -18.89 22.44 0.85
CA THR A 182 -19.71 21.29 1.23
C THR A 182 -19.44 20.13 0.28
N SER A 183 -19.25 20.44 -1.00
CA SER A 183 -18.96 19.40 -1.98
C SER A 183 -17.59 18.85 -1.59
N CYS A 184 -16.65 19.76 -1.36
CA CYS A 184 -15.29 19.42 -0.97
C CYS A 184 -15.23 18.56 0.29
N SER A 185 -15.95 19.00 1.33
CA SER A 185 -15.96 18.27 2.60
C SER A 185 -16.50 16.85 2.47
N ARG A 186 -17.43 16.62 1.56
CA ARG A 186 -17.97 15.29 1.40
C ARG A 186 -17.00 14.35 0.69
N ARG A 187 -16.28 14.87 -0.30
CA ARG A 187 -15.30 14.08 -1.02
C ARG A 187 -14.17 13.71 -0.05
N PHE A 188 -13.80 14.66 0.79
CA PHE A 188 -12.74 14.47 1.77
C PHE A 188 -13.12 13.36 2.74
N TYR A 189 -14.40 13.33 3.12
CA TYR A 189 -14.90 12.30 4.02
C TYR A 189 -14.76 10.95 3.34
N GLN A 190 -15.16 10.89 2.09
CA GLN A 190 -15.09 9.67 1.30
C GLN A 190 -13.66 9.17 1.15
N LEU A 191 -12.76 10.07 0.78
CA LEU A 191 -11.37 9.70 0.60
C LEU A 191 -10.65 9.28 1.89
N THR A 192 -10.96 9.93 3.01
CA THR A 192 -10.32 9.54 4.26
C THR A 192 -10.84 8.19 4.73
N LYS A 193 -12.11 7.89 4.43
CA LYS A 193 -12.69 6.61 4.81
C LYS A 193 -12.03 5.51 4.00
N LEU A 194 -11.75 5.83 2.73
CA LEU A 194 -11.09 4.87 1.85
C LEU A 194 -9.68 4.60 2.36
N LEU A 195 -8.93 5.66 2.68
CA LEU A 195 -7.59 5.49 3.20
C LEU A 195 -7.61 4.63 4.47
N ASP A 196 -8.50 4.95 5.41
CA ASP A 196 -8.58 4.18 6.64
C ASP A 196 -8.79 2.69 6.36
N SER A 197 -9.64 2.37 5.39
CA SER A 197 -9.96 0.98 5.08
C SER A 197 -8.76 0.14 4.64
N VAL A 198 -7.68 0.80 4.24
CA VAL A 198 -6.47 0.08 3.84
C VAL A 198 -5.84 -0.59 5.07
N GLN A 199 -5.83 0.12 6.19
CA GLN A 199 -5.19 -0.36 7.41
C GLN A 199 -5.63 -1.70 7.97
N PRO A 200 -6.95 -1.94 8.09
CA PRO A 200 -7.33 -3.25 8.65
C PRO A 200 -6.86 -4.39 7.76
N ILE A 201 -6.91 -4.17 6.45
CA ILE A 201 -6.49 -5.16 5.47
C ILE A 201 -4.99 -5.43 5.59
N ALA A 202 -4.20 -4.38 5.59
CA ALA A 202 -2.74 -4.49 5.70
C ALA A 202 -2.34 -5.24 6.97
N ARG A 203 -3.07 -4.98 8.05
CA ARG A 203 -2.82 -5.63 9.32
C ARG A 203 -3.04 -7.14 9.27
N GLU A 204 -4.08 -7.58 8.53
CA GLU A 204 -4.35 -9.00 8.39
C GLU A 204 -3.26 -9.62 7.54
N LEU A 205 -2.82 -8.87 6.54
CA LEU A 205 -1.76 -9.33 5.65
C LEU A 205 -0.47 -9.41 6.47
N HIS A 206 -0.28 -8.47 7.39
CA HIS A 206 0.91 -8.49 8.24
C HIS A 206 0.90 -9.78 9.06
N GLN A 207 -0.24 -10.04 9.71
CA GLN A 207 -0.42 -11.22 10.53
C GLN A 207 -0.22 -12.49 9.71
N PHE A 208 -0.86 -12.53 8.54
CA PHE A 208 -0.76 -13.70 7.67
C PHE A 208 0.67 -14.02 7.21
N THR A 209 1.40 -13.03 6.70
CA THR A 209 2.76 -13.33 6.25
C THR A 209 3.76 -13.52 7.39
N PHE A 210 3.49 -12.93 8.56
CA PHE A 210 4.39 -13.14 9.70
C PHE A 210 4.26 -14.62 10.06
N ASP A 211 3.02 -15.08 10.20
CA ASP A 211 2.75 -16.47 10.55
C ASP A 211 3.36 -17.40 9.51
N LEU A 212 3.23 -17.03 8.23
CA LEU A 212 3.76 -17.85 7.16
C LEU A 212 5.27 -17.93 7.23
N LEU A 213 5.91 -16.80 7.56
CA LEU A 213 7.37 -16.77 7.65
C LEU A 213 7.88 -17.75 8.71
N ILE A 214 7.23 -17.72 9.88
CA ILE A 214 7.60 -18.60 10.99
C ILE A 214 7.41 -20.05 10.54
N LYS A 215 6.32 -20.25 9.80
CA LYS A 215 5.86 -21.53 9.24
C LYS A 215 6.60 -22.03 7.96
N SER A 216 7.17 -21.10 7.20
CA SER A 216 7.80 -21.38 5.91
C SER A 216 8.51 -22.71 5.60
N HIS A 217 9.47 -23.16 6.41
CA HIS A 217 10.13 -24.43 6.10
C HIS A 217 9.19 -25.61 5.87
N MET A 218 8.32 -25.89 6.85
CA MET A 218 7.35 -26.98 6.79
C MET A 218 6.26 -26.83 5.74
N VAL A 219 6.13 -25.64 5.17
CA VAL A 219 5.09 -25.38 4.18
C VAL A 219 5.67 -25.12 2.78
N SER A 220 7.00 -25.23 2.66
CA SER A 220 7.69 -25.05 1.38
C SER A 220 7.49 -23.71 0.68
N VAL A 221 7.43 -22.63 1.45
CA VAL A 221 7.27 -21.28 0.90
C VAL A 221 8.54 -20.53 1.27
N ASP A 222 9.25 -19.98 0.28
CA ASP A 222 10.47 -19.27 0.64
C ASP A 222 10.36 -17.75 0.55
N PHE A 223 11.11 -17.09 1.44
CA PHE A 223 11.14 -15.64 1.55
C PHE A 223 12.52 -15.07 1.19
N PRO A 224 12.56 -14.05 0.32
CA PRO A 224 13.82 -13.42 -0.07
C PRO A 224 14.37 -12.69 1.15
N GLU A 225 15.63 -12.32 1.15
CA GLU A 225 16.21 -11.68 2.33
C GLU A 225 15.50 -10.40 2.80
N MET A 226 15.34 -9.40 1.95
CA MET A 226 14.69 -8.15 2.38
C MET A 226 13.30 -8.35 3.01
N MET A 227 12.52 -9.28 2.46
CA MET A 227 11.18 -9.58 2.98
C MET A 227 11.33 -10.21 4.35
N ALA A 228 12.20 -11.20 4.46
CA ALA A 228 12.40 -11.89 5.72
C ALA A 228 12.85 -10.92 6.80
N GLU A 229 13.58 -9.89 6.40
CA GLU A 229 14.11 -8.90 7.33
C GLU A 229 12.98 -8.00 7.84
N ILE A 230 12.21 -7.41 6.94
CA ILE A 230 11.11 -6.55 7.34
C ILE A 230 10.02 -7.33 8.09
N ILE A 231 9.79 -8.58 7.68
CA ILE A 231 8.76 -9.39 8.33
C ILE A 231 9.12 -9.76 9.78
N SER A 232 10.41 -10.01 10.03
CA SER A 232 10.86 -10.39 11.36
C SER A 232 11.32 -9.22 12.23
N VAL A 233 11.66 -8.10 11.60
CA VAL A 233 12.13 -6.93 12.35
C VAL A 233 11.10 -5.79 12.47
N GLN A 234 10.49 -5.38 11.35
CA GLN A 234 9.53 -4.29 11.40
C GLN A 234 8.08 -4.72 11.67
N VAL A 235 7.62 -5.75 10.97
CA VAL A 235 6.23 -6.23 11.14
C VAL A 235 5.83 -6.58 12.57
N PRO A 236 6.70 -7.25 13.34
CA PRO A 236 6.31 -7.60 14.70
C PRO A 236 6.01 -6.38 15.57
N LYS A 237 6.59 -5.24 15.23
CA LYS A 237 6.34 -4.03 15.99
C LYS A 237 4.88 -3.59 15.80
N ILE A 238 4.37 -3.79 14.60
CA ILE A 238 2.98 -3.44 14.31
C ILE A 238 2.07 -4.44 14.99
N LEU A 239 2.37 -5.72 14.82
CA LEU A 239 1.56 -6.77 15.41
C LEU A 239 1.59 -6.73 16.93
N SER A 240 2.68 -6.23 17.51
CA SER A 240 2.80 -6.15 18.97
C SER A 240 2.26 -4.82 19.50
N GLY A 241 1.78 -3.97 18.58
CA GLY A 241 1.21 -2.70 19.00
C GLY A 241 2.14 -1.52 19.25
N LYS A 242 3.43 -1.67 18.97
CA LYS A 242 4.36 -0.56 19.18
C LYS A 242 4.29 0.42 18.01
N VAL A 243 3.80 -0.06 16.87
CA VAL A 243 3.67 0.79 15.68
C VAL A 243 2.21 0.72 15.28
N LYS A 244 1.54 1.86 15.15
CA LYS A 244 0.12 1.88 14.80
C LYS A 244 -0.26 2.83 13.67
N PRO A 245 -1.36 2.52 12.96
CA PRO A 245 -1.86 3.34 11.84
C PRO A 245 -2.39 4.66 12.39
N ILE A 246 -2.44 5.67 11.54
CA ILE A 246 -2.98 6.96 11.95
C ILE A 246 -4.35 7.02 11.25
N TYR A 247 -5.39 6.55 11.94
CA TYR A 247 -6.73 6.57 11.38
C TYR A 247 -7.30 7.98 11.42
N PHE A 248 -8.03 8.34 10.37
CA PHE A 248 -8.67 9.66 10.35
C PHE A 248 -9.88 9.54 11.25
N HIS A 249 -10.64 8.48 11.01
CA HIS A 249 -11.86 8.24 11.74
C HIS A 249 -11.71 7.19 12.83
N THR A 250 -12.63 7.26 13.78
CA THR A 250 -12.69 6.36 14.91
C THR A 250 -13.20 4.98 14.49
#